data_7NTU
#
_entry.id   7NTU
#
_cell.length_a   84.927
_cell.length_b   77.616
_cell.length_c   95.408
_cell.angle_alpha   90.000
_cell.angle_beta   103.470
_cell.angle_gamma   90.000
#
_symmetry.space_group_name_H-M   'P 1 21 1'
#
loop_
_entity.id
_entity.type
_entity.pdbx_description
1 polymer Prothrombin
2 polymer Prothrombin
3 polymer NU172
4 polymer HD22_27mer
5 non-polymer D-phenylalanyl-N-[(2S,3S)-6-{[amino(iminio)methyl]amino}-1-chloro-2-hydroxyhexan-3-yl]-L-prolinamide
6 non-polymer 2-acetamido-2-deoxy-beta-D-glucopyranose
7 non-polymer 'SODIUM ION'
8 water water
#
loop_
_entity_poly.entity_id
_entity_poly.type
_entity_poly.pdbx_seq_one_letter_code
_entity_poly.pdbx_strand_id
1 'polypeptide(L)' TFGSGEADCGLRPLFEKKSLEDKTERELLESYIDGR A,C
2 'polypeptide(L)'
;IVEGSDAEIGMSPWQVMLFRKSPQELLCGASLISDRWVLTAAHCLLYPPWDKNFTENDLLVRIGKHSRTRYERNIEKISM
LEKIYIHPRYNWRENLDRDIALMKLKKPVAFSDYIHPVCLPDRETAASLLQAGYKGRVTGWGNLKETWTANVGKGQPSVL
QVVNLPIVERPVCKDSTRIRITDNMFCAGYKPDEGKRGDACEGDSGGPFVMKSPFNNRWYQMGIVSWGEGCDRDGKYGFY
THVFRLKKWIQKVIDQFGE
;
B,D
3 'polydeoxyribonucleotide'
;(DC)(DG)(DC)(DC)(DT)(DA)(DG)(DG)(DT)(DT)(DG)(DG)(DG)(DT)(DA)(DG)(DG)(DG)(DT)(DG)
(DG)(DT)(DG)(DG)(DC)(DG)
;
E,G
4 'polydeoxyribonucleotide'
;(DG)(DT)(DC)(DC)(DG)(DT)(DG)(DG)(DT)(DA)(DG)(DG)(DG)(DC)(DA)(DG)(DG)(DT)(DT)(DG)
(DG)(DG)(DG)(DT)(DG)(DA)(DC)
;
F,I
#
# COMPACT_ATOMS: atom_id res chain seq x y z
N GLU A 6 6.44 -4.36 -1.72
CA GLU A 6 5.95 -3.33 -0.77
C GLU A 6 5.28 -3.99 0.43
N ALA A 7 4.58 -5.11 0.22
CA ALA A 7 3.89 -5.91 1.27
C ALA A 7 4.86 -6.96 1.84
N ASP A 8 6.09 -6.98 1.31
CA ASP A 8 7.16 -7.93 1.71
C ASP A 8 8.38 -7.11 2.16
N CYS A 9 8.18 -5.81 2.40
CA CYS A 9 9.23 -4.83 2.80
C CYS A 9 9.74 -5.14 4.21
N GLY A 10 10.91 -4.57 4.56
CA GLY A 10 11.55 -4.69 5.88
C GLY A 10 12.12 -6.07 6.16
N LEU A 11 11.98 -7.02 5.23
CA LEU A 11 12.48 -8.42 5.39
C LEU A 11 13.63 -8.66 4.41
N ARG A 12 14.86 -8.73 4.96
CA ARG A 12 16.11 -8.97 4.18
C ARG A 12 16.17 -10.45 3.82
N PRO A 13 16.43 -10.77 2.53
CA PRO A 13 16.52 -12.16 2.08
C PRO A 13 17.66 -12.99 2.70
N LEU A 14 18.78 -12.35 3.07
CA LEU A 14 19.96 -13.02 3.66
C LEU A 14 19.94 -12.95 5.20
N PHE A 15 18.82 -12.55 5.80
CA PHE A 15 18.67 -12.46 7.28
C PHE A 15 17.27 -12.93 7.71
N GLU A 16 16.36 -12.00 7.96
CA GLU A 16 14.98 -12.29 8.43
C GLU A 16 14.40 -13.52 7.70
N LYS A 17 14.57 -13.58 6.37
CA LYS A 17 14.03 -14.68 5.52
C LYS A 17 14.83 -15.97 5.68
N LYS A 18 16.03 -15.90 6.28
CA LYS A 18 16.90 -17.07 6.53
C LYS A 18 16.97 -17.33 8.04
N SER A 19 16.09 -16.67 8.80
CA SER A 19 15.98 -16.76 10.29
C SER A 19 17.35 -16.50 10.92
N LEU A 20 18.14 -15.62 10.31
CA LEU A 20 19.50 -15.23 10.79
C LEU A 20 19.50 -13.76 11.21
N GLU A 21 20.33 -13.41 12.19
CA GLU A 21 20.48 -12.03 12.72
C GLU A 21 21.82 -11.45 12.26
N ASP A 22 21.91 -10.13 12.15
CA ASP A 22 23.19 -9.42 11.87
C ASP A 22 23.87 -9.26 13.24
N LYS A 23 25.15 -8.94 13.28
CA LYS A 23 25.94 -8.91 14.54
C LYS A 23 25.61 -7.71 15.45
N THR A 24 24.98 -6.64 14.93
CA THR A 24 24.70 -5.41 15.73
C THR A 24 23.19 -5.20 16.00
N GLU A 25 22.31 -5.98 15.35
CA GLU A 25 20.83 -5.86 15.53
C GLU A 25 20.46 -5.69 17.00
N ARG A 26 20.69 -6.74 17.79
CA ARG A 26 20.33 -6.87 19.21
C ARG A 26 20.49 -5.52 19.93
N GLU A 27 21.63 -4.84 19.73
CA GLU A 27 21.90 -3.53 20.37
C GLU A 27 20.65 -2.64 20.24
N LEU A 28 20.01 -2.69 19.07
CA LEU A 28 18.79 -1.89 18.76
C LEU A 28 17.60 -2.41 19.59
N LEU A 29 17.33 -3.71 19.53
CA LEU A 29 16.18 -4.35 20.24
C LEU A 29 16.34 -4.18 21.76
N GLU A 30 17.57 -4.27 22.28
CA GLU A 30 17.87 -4.17 23.73
C GLU A 30 17.79 -2.73 24.22
N SER A 31 17.53 -1.77 23.31
CA SER A 31 17.45 -0.32 23.64
C SER A 31 16.02 0.09 23.95
N TYR A 32 15.05 -0.82 23.78
CA TYR A 32 13.60 -0.54 23.99
C TYR A 32 13.21 -0.71 25.46
N ILE A 33 13.33 0.39 26.24
CA ILE A 33 12.98 0.48 27.68
C ILE A 33 12.32 1.85 27.92
N ILE B 1 30.15 8.16 7.45
CA ILE B 1 29.86 7.49 8.75
C ILE B 1 31.14 7.50 9.59
N VAL B 2 31.06 8.07 10.80
CA VAL B 2 32.19 8.17 11.75
C VAL B 2 31.97 7.16 12.88
N GLU B 3 33.05 6.54 13.37
CA GLU B 3 33.02 5.52 14.45
C GLU B 3 31.99 4.43 14.12
N GLY B 4 31.92 4.03 12.86
CA GLY B 4 31.05 2.94 12.36
C GLY B 4 31.86 1.67 12.18
N SER B 5 31.56 0.89 11.14
CA SER B 5 32.29 -0.37 10.80
C SER B 5 31.72 -0.97 9.51
N ASP B 6 32.52 -1.80 8.84
CA ASP B 6 32.14 -2.48 7.57
C ASP B 6 30.80 -3.19 7.77
N ALA B 7 29.84 -2.93 6.88
CA ALA B 7 28.49 -3.53 6.90
C ALA B 7 28.59 -4.98 6.44
N GLU B 8 27.64 -5.82 6.88
CA GLU B 8 27.54 -7.24 6.47
C GLU B 8 26.80 -7.27 5.13
N ILE B 9 27.41 -7.87 4.11
CA ILE B 9 26.84 -7.99 2.75
C ILE B 9 25.36 -8.39 2.83
N GLY B 10 24.48 -7.55 2.28
CA GLY B 10 23.01 -7.77 2.23
C GLY B 10 22.28 -7.33 3.49
N MET B 11 22.94 -6.65 4.43
CA MET B 11 22.29 -6.21 5.71
C MET B 11 21.54 -4.89 5.49
N SER B 12 21.80 -4.20 4.38
CA SER B 12 21.11 -2.93 4.01
C SER B 12 20.77 -2.97 2.52
N PRO B 13 19.86 -3.89 2.11
CA PRO B 13 19.51 -4.08 0.70
C PRO B 13 18.67 -2.96 0.06
N TRP B 14 18.22 -2.01 0.86
CA TRP B 14 17.41 -0.85 0.42
C TRP B 14 18.33 0.35 0.17
N GLN B 15 19.59 0.25 0.63
CA GLN B 15 20.63 1.31 0.49
C GLN B 15 20.84 1.60 -1.00
N VAL B 16 20.65 2.85 -1.41
CA VAL B 16 20.80 3.31 -2.82
C VAL B 16 21.92 4.35 -2.87
N MET B 17 22.66 4.40 -3.97
CA MET B 17 23.77 5.36 -4.21
C MET B 17 23.35 6.36 -5.29
N LEU B 18 23.25 7.64 -4.92
CA LEU B 18 22.94 8.76 -5.85
C LEU B 18 24.27 9.18 -6.48
N PHE B 19 24.51 8.72 -7.71
CA PHE B 19 25.78 8.90 -8.46
C PHE B 19 25.61 9.96 -9.55
N ARG B 20 26.55 10.90 -9.64
CA ARG B 20 26.59 11.97 -10.67
C ARG B 20 27.32 11.41 -11.90
N LYS B 21 26.72 11.49 -13.09
CA LYS B 21 27.27 10.91 -14.34
C LYS B 21 28.65 11.51 -14.64
N SER B 22 28.71 12.82 -14.91
CA SER B 22 29.97 13.55 -15.26
C SER B 22 30.05 14.87 -14.50
N PRO B 23 31.07 15.05 -13.64
CA PRO B 23 32.08 14.02 -13.41
C PRO B 23 31.56 12.84 -12.57
N GLN B 24 32.08 11.63 -12.82
CA GLN B 24 31.68 10.39 -12.10
C GLN B 24 32.13 10.50 -10.64
N GLU B 25 31.26 11.06 -9.79
CA GLU B 25 31.50 11.23 -8.33
C GLU B 25 30.25 10.82 -7.55
N LEU B 26 30.42 10.22 -6.37
CA LEU B 26 29.32 9.84 -5.46
C LEU B 26 28.74 11.13 -4.88
N LEU B 27 27.44 11.36 -5.04
CA LEU B 27 26.77 12.63 -4.63
C LEU B 27 26.17 12.49 -3.22
N CYS B 28 25.27 11.53 -3.02
CA CYS B 28 24.56 11.26 -1.74
C CYS B 28 24.17 9.78 -1.62
N GLY B 29 23.36 9.48 -0.60
CA GLY B 29 22.76 8.17 -0.34
C GLY B 29 21.26 8.26 -0.60
N ALA B 30 20.54 7.14 -0.45
CA ALA B 30 19.07 7.07 -0.68
C ALA B 30 18.55 5.69 -0.27
N SER B 31 17.23 5.53 -0.23
CA SER B 31 16.53 4.28 0.16
C SER B 31 15.57 3.85 -0.96
N LEU B 32 15.39 2.54 -1.12
CA LEU B 32 14.49 1.92 -2.13
C LEU B 32 13.19 1.55 -1.39
N ILE B 33 12.07 2.24 -1.67
CA ILE B 33 10.76 2.03 -0.98
C ILE B 33 9.82 1.17 -1.84
N SER B 34 10.13 1.00 -3.14
CA SER B 34 9.35 0.17 -4.10
C SER B 34 10.20 -0.08 -5.35
N ASP B 35 9.59 -0.69 -6.38
CA ASP B 35 10.28 -1.09 -7.63
C ASP B 35 10.65 0.12 -8.50
N ARG B 36 10.01 1.28 -8.31
CA ARG B 36 10.27 2.48 -9.16
C ARG B 36 10.42 3.78 -8.34
N TRP B 37 10.30 3.72 -7.01
CA TRP B 37 10.39 4.92 -6.15
C TRP B 37 11.55 4.82 -5.15
N VAL B 38 12.44 5.81 -5.19
CA VAL B 38 13.65 5.93 -4.32
C VAL B 38 13.54 7.24 -3.53
N LEU B 39 13.73 7.15 -2.20
CA LEU B 39 13.64 8.30 -1.27
C LEU B 39 15.05 8.81 -0.95
N THR B 40 15.22 10.14 -0.89
CA THR B 40 16.52 10.81 -0.61
C THR B 40 16.26 12.21 0.00
N ALA B 41 17.34 12.94 0.30
CA ALA B 41 17.32 14.31 0.85
C ALA B 41 17.22 15.33 -0.30
N ALA B 42 16.36 16.34 -0.15
CA ALA B 42 16.13 17.41 -1.15
C ALA B 42 17.42 18.20 -1.39
N HIS B 43 18.17 18.49 -0.33
CA HIS B 43 19.41 19.31 -0.37
C HIS B 43 20.45 18.62 -1.27
N CYS B 44 20.22 17.35 -1.63
CA CYS B 44 21.12 16.54 -2.49
C CYS B 44 20.90 16.89 -3.97
N LEU B 45 19.74 17.47 -4.29
CA LEU B 45 19.34 17.82 -5.67
C LEU B 45 19.28 19.34 -5.85
N LEU B 46 18.83 20.07 -4.84
CA LEU B 46 18.64 21.55 -4.89
C LEU B 46 19.17 22.23 -3.62
N TYR B 47 20.27 22.98 -3.74
CA TYR B 47 20.87 23.78 -2.64
C TYR B 47 21.58 24.99 -3.26
N PRO B 48 20.81 26.03 -3.62
CA PRO B 48 21.38 27.25 -4.23
C PRO B 48 22.63 27.80 -3.56
N PRO B 49 22.67 27.88 -2.21
CA PRO B 49 23.84 28.39 -1.50
C PRO B 49 25.17 27.90 -2.06
N TRP B 50 25.22 26.66 -2.57
CA TRP B 50 26.42 26.07 -3.21
C TRP B 50 26.16 25.93 -4.72
N ASP B 51 25.24 26.74 -5.26
CA ASP B 51 24.85 26.75 -6.69
C ASP B 51 24.64 25.29 -7.14
N LYS B 52 23.94 24.49 -6.34
CA LYS B 52 23.66 23.06 -6.59
C LYS B 52 22.21 22.92 -7.05
N ASN B 53 21.99 22.32 -8.22
CA ASN B 53 20.64 22.12 -8.84
C ASN B 53 20.78 21.10 -9.99
N PHE B 54 20.46 19.83 -9.72
CA PHE B 54 20.58 18.71 -10.68
C PHE B 54 19.22 18.32 -11.28
N THR B 55 19.25 17.90 -12.55
CA THR B 55 18.07 17.43 -13.34
C THR B 55 18.11 15.90 -13.38
N GLU B 56 16.99 15.27 -13.71
CA GLU B 56 16.86 13.79 -13.80
C GLU B 56 17.99 13.22 -14.68
N ASN B 57 18.27 13.90 -15.79
CA ASN B 57 19.25 13.45 -16.83
C ASN B 57 20.70 13.60 -16.36
N ASP B 58 20.94 14.33 -15.27
CA ASP B 58 22.30 14.60 -14.73
C ASP B 58 22.75 13.49 -13.77
N LEU B 59 21.80 12.78 -13.16
CA LEU B 59 22.06 11.78 -12.09
C LEU B 59 21.87 10.34 -12.56
N LEU B 60 22.46 9.42 -11.78
CA LEU B 60 22.46 7.95 -11.96
C LEU B 60 22.12 7.31 -10.61
N VAL B 61 21.51 6.12 -10.59
CA VAL B 61 21.12 5.39 -9.34
C VAL B 61 21.74 3.99 -9.36
N ARG B 62 22.50 3.66 -8.31
CA ARG B 62 23.21 2.35 -8.18
C ARG B 62 22.65 1.63 -6.94
N ILE B 63 21.99 0.48 -7.16
CA ILE B 63 21.31 -0.32 -6.09
C ILE B 63 22.02 -1.67 -5.92
N GLY B 64 22.00 -2.20 -4.68
CA GLY B 64 22.56 -3.50 -4.30
C GLY B 64 24.08 -3.50 -4.19
N LYS B 65 24.69 -2.32 -4.07
CA LYS B 65 26.16 -2.15 -3.97
C LYS B 65 26.62 -2.30 -2.52
N HIS B 66 27.88 -2.73 -2.34
CA HIS B 66 28.57 -2.88 -1.04
C HIS B 66 29.90 -2.12 -1.13
N SER B 67 30.61 -2.30 -2.24
CA SER B 67 31.89 -1.60 -2.56
C SER B 67 31.53 -0.19 -3.01
N ARG B 68 32.21 0.83 -2.48
CA ARG B 68 31.96 2.27 -2.75
C ARG B 68 32.31 2.66 -4.19
N THR B 69 33.47 2.23 -4.69
CA THR B 69 34.01 2.61 -6.03
C THR B 69 33.81 1.52 -7.09
N ARG B 70 34.41 0.34 -6.87
CA ARG B 70 34.42 -0.80 -7.82
C ARG B 70 33.00 -1.15 -8.30
N TYR B 71 32.89 -1.53 -9.58
CA TYR B 71 31.65 -1.97 -10.25
C TYR B 71 31.43 -3.46 -9.94
N GLU B 72 30.43 -3.75 -9.11
CA GLU B 72 30.09 -5.12 -8.62
C GLU B 72 29.18 -5.82 -9.65
N ARG B 73 29.80 -6.49 -10.61
CA ARG B 73 29.17 -7.21 -11.75
C ARG B 73 28.11 -8.21 -11.29
N ASN B 74 26.97 -8.25 -11.99
CA ASN B 74 25.84 -9.19 -11.80
C ASN B 74 25.16 -9.01 -10.43
N ILE B 75 25.66 -8.13 -9.57
CA ILE B 75 25.09 -7.88 -8.21
C ILE B 75 24.47 -6.48 -8.21
N GLU B 76 25.28 -5.47 -8.51
CA GLU B 76 24.90 -4.04 -8.61
C GLU B 76 23.94 -3.86 -9.80
N LYS B 77 22.87 -3.08 -9.62
CA LYS B 77 21.88 -2.76 -10.69
C LYS B 77 21.77 -1.24 -10.79
N ILE B 78 21.94 -0.69 -11.99
CA ILE B 78 21.91 0.78 -12.26
C ILE B 78 20.60 1.14 -12.96
N SER B 79 19.92 2.18 -12.48
CA SER B 79 18.65 2.72 -13.02
C SER B 79 18.78 4.23 -13.20
N MET B 80 17.95 4.84 -14.04
CA MET B 80 17.96 6.31 -14.28
C MET B 80 16.57 6.88 -13.97
N LEU B 81 16.54 8.16 -13.61
CA LEU B 81 15.34 8.90 -13.15
C LEU B 81 14.47 9.32 -14.34
N GLU B 82 13.14 9.30 -14.14
CA GLU B 82 12.11 9.73 -15.13
C GLU B 82 11.61 11.11 -14.71
N LYS B 83 11.58 11.35 -13.39
CA LYS B 83 11.11 12.61 -12.75
C LYS B 83 11.57 12.66 -11.29
N ILE B 84 11.84 13.88 -10.82
CA ILE B 84 12.24 14.20 -9.42
C ILE B 84 11.07 14.96 -8.79
N TYR B 85 10.80 14.74 -7.50
CA TYR B 85 9.71 15.40 -6.76
C TYR B 85 10.26 15.89 -5.41
N ILE B 86 10.54 17.19 -5.33
CA ILE B 86 11.03 17.89 -4.11
C ILE B 86 9.81 18.48 -3.42
N HIS B 87 9.65 18.24 -2.12
CA HIS B 87 8.51 18.75 -1.31
C HIS B 87 8.41 20.27 -1.51
N PRO B 88 7.21 20.79 -1.84
CA PRO B 88 7.01 22.23 -2.06
C PRO B 88 7.31 23.12 -0.85
N ARG B 89 7.46 22.53 0.33
CA ARG B 89 7.70 23.24 1.61
C ARG B 89 9.19 23.28 1.95
N TYR B 90 10.02 22.50 1.23
CA TYR B 90 11.49 22.40 1.45
C TYR B 90 12.12 23.80 1.53
N ASN B 91 12.61 24.16 2.71
CA ASN B 91 13.28 25.47 3.00
C ASN B 91 14.80 25.26 3.03
N TRP B 92 15.48 25.51 1.90
CA TRP B 92 16.93 25.31 1.73
C TRP B 92 17.74 26.44 2.37
N ARG B 93 17.13 27.60 2.58
CA ARG B 93 17.84 28.80 3.11
C ARG B 93 18.10 28.68 4.62
N GLU B 94 17.06 28.53 5.43
CA GLU B 94 17.17 28.59 6.92
C GLU B 94 17.58 27.26 7.57
N ASN B 95 16.64 26.32 7.74
CA ASN B 95 16.85 25.09 8.55
C ASN B 95 16.56 23.79 7.78
N LEU B 96 16.73 23.77 6.46
CA LEU B 96 16.48 22.56 5.62
C LEU B 96 15.21 21.83 6.12
N ASP B 97 14.17 22.57 6.49
CA ASP B 97 12.88 21.98 6.93
C ASP B 97 12.34 21.11 5.80
N ARG B 98 11.82 19.93 6.12
CA ARG B 98 11.27 18.96 5.13
C ARG B 98 12.33 18.69 4.05
N ASP B 99 13.55 18.32 4.48
CA ASP B 99 14.67 17.98 3.58
C ASP B 99 14.44 16.55 3.05
N ILE B 100 13.41 16.39 2.21
CA ILE B 100 12.97 15.08 1.61
C ILE B 100 12.71 15.30 0.12
N ALA B 101 12.64 14.21 -0.65
CA ALA B 101 12.40 14.22 -2.11
C ALA B 101 12.28 12.78 -2.63
N LEU B 102 11.31 12.54 -3.52
CA LEU B 102 11.09 11.23 -4.19
C LEU B 102 11.76 11.26 -5.57
N MET B 103 12.24 10.11 -6.04
CA MET B 103 12.90 9.94 -7.36
C MET B 103 12.26 8.72 -8.04
N LYS B 104 11.55 8.94 -9.14
CA LYS B 104 10.87 7.87 -9.92
C LYS B 104 11.84 7.33 -10.98
N LEU B 105 12.09 6.02 -11.00
CA LEU B 105 12.97 5.34 -11.98
C LEU B 105 12.18 5.15 -13.28
N LYS B 106 12.86 5.13 -14.43
CA LYS B 106 12.21 4.99 -15.76
C LYS B 106 11.72 3.55 -15.97
N LYS B 107 12.39 2.56 -15.36
CA LYS B 107 12.01 1.12 -15.46
C LYS B 107 12.05 0.47 -14.09
N PRO B 108 11.03 -0.35 -13.73
CA PRO B 108 11.00 -1.03 -12.45
C PRO B 108 12.25 -1.90 -12.25
N VAL B 109 12.81 -1.89 -11.04
CA VAL B 109 14.03 -2.66 -10.65
C VAL B 109 13.60 -4.08 -10.24
N ALA B 110 14.45 -5.07 -10.49
CA ALA B 110 14.24 -6.49 -10.12
C ALA B 110 14.89 -6.75 -8.76
N PHE B 111 14.13 -7.22 -7.77
CA PHE B 111 14.63 -7.53 -6.41
C PHE B 111 15.52 -8.77 -6.48
N SER B 112 16.51 -8.84 -5.58
CA SER B 112 17.47 -9.96 -5.45
C SER B 112 17.71 -10.23 -3.97
N ASP B 113 18.89 -10.75 -3.62
CA ASP B 113 19.31 -11.04 -2.22
C ASP B 113 20.08 -9.82 -1.69
N TYR B 114 20.33 -8.83 -2.56
CA TYR B 114 21.11 -7.61 -2.25
C TYR B 114 20.28 -6.37 -2.54
N ILE B 115 19.12 -6.56 -3.18
CA ILE B 115 18.16 -5.48 -3.58
C ILE B 115 16.78 -5.83 -3.04
N HIS B 116 16.24 -5.01 -2.14
CA HIS B 116 14.91 -5.21 -1.50
C HIS B 116 14.45 -3.89 -0.89
N PRO B 117 13.14 -3.60 -0.85
CA PRO B 117 12.63 -2.34 -0.31
C PRO B 117 12.49 -2.30 1.22
N VAL B 118 12.60 -1.10 1.80
CA VAL B 118 12.41 -0.87 3.26
C VAL B 118 10.95 -0.44 3.44
N CYS B 119 10.37 -0.64 4.63
CA CYS B 119 8.97 -0.27 4.94
C CYS B 119 8.89 1.19 5.39
N LEU B 120 7.82 1.89 5.00
CA LEU B 120 7.49 3.25 5.51
C LEU B 120 6.69 3.04 6.78
N PRO B 121 6.86 3.89 7.82
CA PRO B 121 6.15 3.68 9.08
C PRO B 121 4.72 4.23 9.13
N ASP B 122 3.85 3.59 9.90
CA ASP B 122 2.45 4.02 10.15
C ASP B 122 2.46 4.80 11.47
N ARG B 123 1.34 5.43 11.85
CA ARG B 123 1.25 6.27 13.08
C ARG B 123 1.59 5.46 14.32
N GLU B 124 1.30 4.15 14.34
CA GLU B 124 1.54 3.26 15.50
C GLU B 124 3.04 2.99 15.63
N THR B 125 3.68 2.47 14.57
CA THR B 125 5.14 2.20 14.51
C THR B 125 5.90 3.47 14.93
N ALA B 126 5.42 4.63 14.47
CA ALA B 126 6.01 5.97 14.72
C ALA B 126 5.85 6.38 16.18
N ALA B 127 4.80 5.88 16.86
CA ALA B 127 4.47 6.22 18.26
C ALA B 127 5.20 5.31 19.24
N SER B 128 5.67 4.15 18.77
CA SER B 128 6.36 3.13 19.59
C SER B 128 7.89 3.31 19.57
N LEU B 129 8.46 3.51 18.37
CA LEU B 129 9.93 3.57 18.15
C LEU B 129 10.51 4.98 18.37
N LEU B 130 9.76 6.05 18.09
CA LEU B 130 10.24 7.45 18.25
C LEU B 130 10.27 7.84 19.73
N GLN B 131 11.34 7.50 20.43
CA GLN B 131 11.53 7.78 21.88
C GLN B 131 13.03 7.92 22.20
N ALA B 132 13.38 8.81 23.12
CA ALA B 132 14.76 9.07 23.59
C ALA B 132 15.33 7.78 24.18
N GLY B 133 16.54 7.39 23.76
CA GLY B 133 17.22 6.17 24.21
C GLY B 133 17.14 5.08 23.16
N TYR B 134 15.99 4.99 22.49
CA TYR B 134 15.70 4.02 21.39
C TYR B 134 16.71 4.25 20.26
N LYS B 135 17.57 3.25 20.02
CA LYS B 135 18.66 3.32 19.00
C LYS B 135 18.13 2.97 17.60
N GLY B 136 18.66 3.67 16.59
CA GLY B 136 18.37 3.46 15.16
C GLY B 136 19.66 3.17 14.42
N ARG B 137 19.58 2.71 13.17
CA ARG B 137 20.77 2.38 12.35
C ARG B 137 20.89 3.33 11.14
N VAL B 138 22.10 3.86 10.91
CA VAL B 138 22.43 4.79 9.80
C VAL B 138 23.57 4.18 8.97
N THR B 139 23.44 4.21 7.64
CA THR B 139 24.42 3.64 6.68
C THR B 139 24.72 4.66 5.58
N GLY B 140 25.91 4.56 4.97
CA GLY B 140 26.36 5.44 3.87
C GLY B 140 27.83 5.28 3.55
N TRP B 141 28.23 5.71 2.35
CA TRP B 141 29.64 5.69 1.86
C TRP B 141 30.22 7.10 2.01
N GLY B 142 29.85 7.79 3.10
CA GLY B 142 30.31 9.16 3.41
C GLY B 142 31.67 9.15 4.09
N ASN B 143 32.21 10.34 4.36
CA ASN B 143 33.54 10.56 5.01
C ASN B 143 33.59 9.83 6.36
N LEU B 144 34.78 9.36 6.76
CA LEU B 144 35.06 8.70 8.06
C LEU B 144 35.37 9.76 9.13
N LYS B 145 35.76 10.96 8.69
CA LYS B 145 36.09 12.12 9.56
C LYS B 145 35.64 13.39 8.82
N GLU B 146 36.15 14.56 9.21
CA GLU B 146 35.81 15.86 8.56
C GLU B 146 36.78 16.10 7.39
N GLY B 155 39.60 8.91 5.13
CA GLY B 155 38.66 9.98 4.74
C GLY B 155 37.39 9.40 4.15
N GLN B 156 37.54 8.55 3.14
CA GLN B 156 36.42 7.87 2.42
C GLN B 156 36.52 6.37 2.65
N PRO B 157 35.42 5.69 3.04
CA PRO B 157 35.46 4.26 3.31
C PRO B 157 35.64 3.42 2.04
N SER B 158 36.04 2.16 2.22
CA SER B 158 36.26 1.17 1.13
C SER B 158 34.93 0.49 0.79
N VAL B 159 34.21 0.04 1.83
CA VAL B 159 32.89 -0.65 1.73
C VAL B 159 31.88 0.13 2.57
N LEU B 160 30.57 -0.08 2.32
CA LEU B 160 29.44 0.59 3.01
C LEU B 160 29.66 0.53 4.53
N GLN B 161 29.49 1.67 5.21
CA GLN B 161 29.66 1.80 6.67
C GLN B 161 28.28 1.77 7.33
N VAL B 162 28.24 1.43 8.63
CA VAL B 162 26.99 1.33 9.44
C VAL B 162 27.33 1.67 10.90
N VAL B 163 26.43 2.40 11.57
CA VAL B 163 26.60 2.84 12.99
C VAL B 163 25.21 2.88 13.65
N ASN B 164 25.16 2.56 14.95
CA ASN B 164 23.91 2.55 15.76
C ASN B 164 23.92 3.79 16.66
N LEU B 165 22.90 4.64 16.50
CA LEU B 165 22.78 5.93 17.23
C LEU B 165 21.41 6.00 17.91
N PRO B 166 21.37 6.46 19.17
CA PRO B 166 20.11 6.60 19.90
C PRO B 166 19.44 7.97 19.65
N ILE B 167 18.10 7.98 19.63
CA ILE B 167 17.29 9.23 19.47
C ILE B 167 17.50 10.08 20.73
N VAL B 168 17.72 11.38 20.57
CA VAL B 168 17.97 12.34 21.69
C VAL B 168 16.69 13.14 21.98
N GLU B 169 16.52 13.56 23.23
CA GLU B 169 15.37 14.39 23.69
C GLU B 169 15.39 15.68 22.85
N ARG B 170 14.22 16.15 22.40
CA ARG B 170 14.12 17.34 21.51
C ARG B 170 14.79 18.54 22.18
N PRO B 171 14.51 18.83 23.47
CA PRO B 171 15.14 19.96 24.15
C PRO B 171 16.65 19.98 23.96
N VAL B 172 17.31 18.84 24.17
CA VAL B 172 18.79 18.68 24.03
C VAL B 172 19.18 19.01 22.59
N CYS B 173 18.47 18.44 21.60
CA CYS B 173 18.67 18.68 20.15
C CYS B 173 18.67 20.19 19.86
N LYS B 174 17.62 20.86 20.34
CA LYS B 174 17.36 22.31 20.12
C LYS B 174 18.53 23.13 20.69
N ASP B 175 18.83 22.96 21.98
CA ASP B 175 19.87 23.72 22.73
C ASP B 175 21.28 23.32 22.29
N SER B 176 21.43 22.37 21.36
CA SER B 176 22.74 21.88 20.87
C SER B 176 23.16 22.66 19.62
N THR B 177 22.23 23.37 18.97
CA THR B 177 22.49 24.15 17.73
C THR B 177 21.74 25.48 17.77
N ARG B 178 22.31 26.50 17.10
CA ARG B 178 21.74 27.87 16.99
C ARG B 178 20.60 27.87 15.96
N ILE B 179 20.60 26.90 15.05
CA ILE B 179 19.58 26.73 13.98
C ILE B 179 18.21 26.50 14.64
N ARG B 180 17.13 26.90 13.96
CA ARG B 180 15.75 26.77 14.48
C ARG B 180 15.19 25.41 14.04
N ILE B 181 14.88 24.55 15.02
CA ILE B 181 14.39 23.15 14.82
C ILE B 181 12.89 23.20 14.52
N THR B 182 12.38 22.23 13.75
CA THR B 182 10.95 22.09 13.37
C THR B 182 10.44 20.71 13.80
N ASP B 183 9.14 20.45 13.62
CA ASP B 183 8.48 19.16 13.98
C ASP B 183 8.71 18.14 12.87
N ASN B 184 9.41 18.54 11.80
CA ASN B 184 9.67 17.71 10.60
C ASN B 184 11.09 17.12 10.62
N MET B 185 11.77 17.19 11.76
CA MET B 185 13.16 16.68 11.94
C MET B 185 13.38 16.29 13.40
N PHE B 186 14.26 15.31 13.64
CA PHE B 186 14.68 14.81 14.97
C PHE B 186 16.19 14.57 14.93
N CYS B 187 16.89 14.79 16.05
CA CYS B 187 18.36 14.61 16.15
C CYS B 187 18.64 13.31 16.90
N ALA B 188 19.74 12.63 16.54
CA ALA B 188 20.18 11.35 17.13
C ALA B 188 21.71 11.35 17.25
N GLY B 189 22.22 10.57 18.21
CA GLY B 189 23.66 10.43 18.51
C GLY B 189 23.88 10.25 20.00
N TYR B 190 25.11 9.94 20.40
CA TYR B 190 25.50 9.73 21.82
C TYR B 190 25.87 11.08 22.44
N LYS B 191 25.71 11.19 23.76
CA LYS B 191 26.06 12.39 24.55
C LYS B 191 27.52 12.27 24.95
N PRO B 192 28.14 13.34 25.50
CA PRO B 192 29.56 13.32 25.85
C PRO B 192 29.96 12.30 26.92
N ASP B 193 29.19 12.23 28.02
CA ASP B 193 29.47 11.33 29.18
C ASP B 193 28.96 9.91 28.91
N GLU B 194 28.52 9.60 27.69
CA GLU B 194 27.99 8.26 27.31
C GLU B 194 29.13 7.33 26.90
N GLY B 195 30.32 7.89 26.63
CA GLY B 195 31.53 7.10 26.29
C GLY B 195 31.53 6.61 24.85
N LYS B 196 30.44 5.98 24.39
CA LYS B 196 30.35 5.47 22.99
C LYS B 196 30.24 6.68 22.04
N ARG B 197 30.69 6.51 20.79
CA ARG B 197 30.71 7.59 19.76
C ARG B 197 30.08 7.09 18.46
N GLY B 198 29.94 8.00 17.49
CA GLY B 198 29.36 7.72 16.15
C GLY B 198 28.51 8.86 15.66
N ASP B 199 28.34 8.97 14.33
CA ASP B 199 27.55 10.03 13.66
C ASP B 199 27.73 9.88 12.15
N ALA B 200 26.86 10.54 11.37
CA ALA B 200 26.92 10.60 9.90
C ALA B 200 27.79 11.80 9.53
N CYS B 201 28.16 11.93 8.25
CA CYS B 201 29.04 13.03 7.76
C CYS B 201 28.64 13.39 6.33
N GLU B 202 29.39 14.28 5.69
CA GLU B 202 29.14 14.74 4.29
C GLU B 202 29.06 13.50 3.38
N GLY B 203 28.14 13.51 2.41
CA GLY B 203 27.95 12.43 1.42
C GLY B 203 27.02 11.33 1.92
N ASP B 204 26.61 11.39 3.19
CA ASP B 204 25.71 10.40 3.84
C ASP B 204 24.26 10.86 3.71
N SER B 205 24.03 12.13 3.39
CA SER B 205 22.69 12.74 3.19
C SER B 205 21.86 11.83 2.28
N GLY B 206 20.55 11.75 2.52
CA GLY B 206 19.61 10.91 1.74
C GLY B 206 19.61 9.48 2.25
N GLY B 207 20.63 9.11 3.04
CA GLY B 207 20.75 7.78 3.66
C GLY B 207 19.62 7.55 4.67
N PRO B 208 19.18 6.30 4.86
CA PRO B 208 18.08 6.02 5.77
C PRO B 208 18.49 5.80 7.23
N PHE B 209 17.59 6.17 8.14
CA PHE B 209 17.69 5.98 9.61
C PHE B 209 16.61 4.95 9.97
N VAL B 210 16.91 3.68 9.69
CA VAL B 210 15.99 2.51 9.89
C VAL B 210 16.01 2.07 11.35
N MET B 211 14.91 1.43 11.76
CA MET B 211 14.67 0.84 13.10
C MET B 211 13.91 -0.46 12.88
N LYS B 212 14.24 -1.53 13.63
CA LYS B 212 13.58 -2.85 13.51
C LYS B 212 12.44 -2.95 14.51
N SER B 213 11.21 -3.20 14.02
CA SER B 213 9.98 -3.33 14.85
C SER B 213 10.04 -4.64 15.63
N PRO B 214 9.96 -4.57 16.97
CA PRO B 214 9.98 -5.77 17.80
C PRO B 214 8.58 -6.42 17.85
N PHE B 215 7.68 -6.03 16.94
CA PHE B 215 6.29 -6.53 16.85
C PHE B 215 6.10 -7.38 15.60
N ASN B 216 6.83 -7.08 14.50
CA ASN B 216 6.72 -7.83 13.22
C ASN B 216 8.09 -8.10 12.60
N ASN B 217 9.18 -7.88 13.35
CA ASN B 217 10.59 -8.14 12.91
C ASN B 217 10.85 -7.54 11.52
N ARG B 218 10.31 -6.36 11.25
CA ARG B 218 10.47 -5.65 9.95
C ARG B 218 11.22 -4.32 10.16
N TRP B 219 12.10 -3.99 9.23
CA TRP B 219 12.90 -2.73 9.23
C TRP B 219 12.04 -1.61 8.64
N TYR B 220 11.99 -0.46 9.34
CA TYR B 220 11.22 0.74 8.94
C TYR B 220 12.15 1.95 8.84
N GLN B 221 12.05 2.71 7.75
CA GLN B 221 12.83 3.97 7.59
C GLN B 221 12.07 5.05 8.35
N MET B 222 12.64 5.54 9.46
CA MET B 222 12.01 6.56 10.35
C MET B 222 12.58 7.95 10.05
N GLY B 223 13.79 8.05 9.50
CA GLY B 223 14.42 9.35 9.20
C GLY B 223 15.31 9.32 7.97
N ILE B 224 15.71 10.51 7.50
CA ILE B 224 16.62 10.72 6.33
C ILE B 224 17.77 11.64 6.77
N VAL B 225 19.01 11.19 6.61
CA VAL B 225 20.23 11.99 6.96
C VAL B 225 20.06 13.38 6.34
N SER B 226 19.93 14.42 7.15
CA SER B 226 19.71 15.81 6.68
C SER B 226 20.96 16.68 6.88
N TRP B 227 21.18 17.20 8.09
CA TRP B 227 22.29 18.15 8.41
C TRP B 227 22.91 17.86 9.77
N GLY B 228 23.81 18.75 10.19
CA GLY B 228 24.55 18.72 11.47
C GLY B 228 25.83 19.53 11.39
N GLU B 229 26.20 20.20 12.49
CA GLU B 229 27.45 21.01 12.63
C GLU B 229 28.64 20.05 12.72
N GLY B 230 29.53 20.08 11.72
CA GLY B 230 30.72 19.20 11.65
C GLY B 230 30.31 17.75 11.61
N CYS B 231 31.12 16.86 12.21
CA CYS B 231 30.87 15.40 12.28
C CYS B 231 31.43 14.82 13.58
N ASP B 232 30.63 14.01 14.27
CA ASP B 232 30.99 13.29 15.52
C ASP B 232 31.64 14.27 16.52
N ARG B 233 31.01 15.40 16.78
CA ARG B 233 31.50 16.43 17.73
C ARG B 233 30.76 16.24 19.07
N ASP B 234 31.43 16.57 20.18
CA ASP B 234 30.85 16.49 21.54
C ASP B 234 29.83 17.62 21.67
N GLY B 235 28.69 17.35 22.32
CA GLY B 235 27.60 18.32 22.53
C GLY B 235 26.72 18.47 21.29
N LYS B 236 27.28 18.22 20.09
CA LYS B 236 26.56 18.33 18.79
C LYS B 236 25.99 16.97 18.40
N TYR B 237 24.89 16.98 17.63
CA TYR B 237 24.16 15.77 17.18
C TYR B 237 23.69 15.93 15.73
N GLY B 238 23.51 14.80 15.03
CA GLY B 238 23.03 14.75 13.63
C GLY B 238 21.51 14.79 13.57
N PHE B 239 20.96 15.54 12.61
CA PHE B 239 19.50 15.72 12.42
C PHE B 239 19.04 14.89 11.22
N TYR B 240 17.85 14.29 11.34
CA TYR B 240 17.24 13.41 10.31
C TYR B 240 15.80 13.88 10.03
N THR B 241 15.40 13.83 8.76
CA THR B 241 14.06 14.24 8.28
C THR B 241 13.02 13.25 8.82
N HIS B 242 11.94 13.76 9.42
CA HIS B 242 10.83 12.97 10.02
C HIS B 242 10.01 12.35 8.89
N VAL B 243 10.33 11.11 8.50
CA VAL B 243 9.70 10.39 7.36
C VAL B 243 8.18 10.29 7.54
N PHE B 244 7.70 9.78 8.67
CA PHE B 244 6.25 9.55 8.92
C PHE B 244 5.42 10.81 8.63
N ARG B 245 5.80 11.96 9.18
CA ARG B 245 5.04 13.22 9.02
C ARG B 245 4.91 13.58 7.54
N LEU B 246 5.69 12.97 6.66
CA LEU B 246 5.66 13.30 5.20
C LEU B 246 5.08 12.12 4.39
N LYS B 247 4.93 10.94 5.00
CA LYS B 247 4.38 9.73 4.32
C LYS B 247 3.13 10.12 3.54
N LYS B 248 2.20 10.83 4.19
CA LYS B 248 0.93 11.32 3.61
C LYS B 248 1.26 11.93 2.25
N TRP B 249 2.25 12.84 2.20
CA TRP B 249 2.72 13.50 0.96
C TRP B 249 3.25 12.45 -0.02
N ILE B 250 4.16 11.58 0.44
CA ILE B 250 4.79 10.49 -0.37
C ILE B 250 3.68 9.66 -1.03
N GLN B 251 2.71 9.24 -0.22
CA GLN B 251 1.58 8.35 -0.62
C GLN B 251 0.86 8.92 -1.84
N LYS B 252 0.40 10.17 -1.79
CA LYS B 252 -0.42 10.78 -2.87
C LYS B 252 0.46 11.18 -4.07
N VAL B 253 1.77 11.35 -3.87
CA VAL B 253 2.72 11.69 -4.96
C VAL B 253 2.89 10.42 -5.80
N ILE B 254 3.27 9.32 -5.13
CA ILE B 254 3.48 7.99 -5.76
C ILE B 254 2.16 7.55 -6.41
N ASP B 255 1.04 7.91 -5.78
CA ASP B 255 -0.35 7.60 -6.24
C ASP B 255 -0.65 8.31 -7.56
N GLN B 256 -0.65 9.65 -7.54
CA GLN B 256 -1.03 10.50 -8.70
C GLN B 256 -0.02 10.39 -9.84
N PHE B 257 1.22 9.99 -9.59
CA PHE B 257 2.27 9.86 -10.63
C PHE B 257 2.84 8.44 -10.62
N GLU C 6 -2.06 -1.90 -12.43
CA GLU C 6 -1.89 -1.76 -10.96
C GLU C 6 -2.12 -0.29 -10.56
N ALA C 7 -1.33 0.62 -11.14
CA ALA C 7 -1.35 2.08 -10.85
C ALA C 7 -2.47 2.79 -11.62
N ASP C 8 -3.06 2.15 -12.64
CA ASP C 8 -4.15 2.77 -13.45
C ASP C 8 -5.48 2.07 -13.13
N CYS C 9 -5.61 1.53 -11.91
CA CYS C 9 -6.84 0.84 -11.45
C CYS C 9 -7.89 1.89 -11.06
N GLY C 10 -9.14 1.45 -10.91
CA GLY C 10 -10.29 2.30 -10.52
C GLY C 10 -10.64 3.32 -11.58
N LEU C 11 -9.93 3.31 -12.71
CA LEU C 11 -10.13 4.25 -13.85
C LEU C 11 -10.72 3.47 -15.03
N ARG C 12 -12.03 3.61 -15.24
CA ARG C 12 -12.82 2.93 -16.31
C ARG C 12 -12.45 3.51 -17.68
N PRO C 13 -12.13 2.65 -18.66
CA PRO C 13 -11.78 3.08 -20.01
C PRO C 13 -12.83 3.92 -20.74
N LEU C 14 -14.12 3.60 -20.56
CA LEU C 14 -15.26 4.27 -21.25
C LEU C 14 -15.83 5.43 -20.42
N PHE C 15 -15.14 5.86 -19.36
CA PHE C 15 -15.61 6.96 -18.48
C PHE C 15 -14.42 7.83 -18.04
N GLU C 16 -13.89 7.59 -16.83
CA GLU C 16 -12.78 8.38 -16.23
C GLU C 16 -11.70 8.69 -17.28
N LYS C 17 -11.33 7.70 -18.10
CA LYS C 17 -10.26 7.82 -19.13
C LYS C 17 -10.72 8.71 -20.30
N LYS C 18 -12.02 8.96 -20.43
CA LYS C 18 -12.61 9.78 -21.53
C LYS C 18 -13.30 11.00 -20.91
N SER C 19 -13.03 11.27 -19.63
CA SER C 19 -13.61 12.40 -18.84
C SER C 19 -15.13 12.41 -18.94
N LEU C 20 -15.75 11.21 -18.96
CA LEU C 20 -17.22 11.06 -19.02
C LEU C 20 -17.73 10.45 -17.71
N GLU C 21 -18.97 10.77 -17.34
CA GLU C 21 -19.63 10.29 -16.09
C GLU C 21 -20.74 9.30 -16.43
N ASP C 22 -21.04 8.36 -15.51
CA ASP C 22 -22.22 7.47 -15.61
C ASP C 22 -23.37 8.31 -15.06
N LYS C 23 -24.62 7.91 -15.29
CA LYS C 23 -25.80 8.75 -14.91
C LYS C 23 -26.11 8.71 -13.41
N THR C 24 -25.50 7.81 -12.62
CA THR C 24 -25.79 7.66 -11.17
C THR C 24 -24.59 8.03 -10.28
N GLU C 25 -23.41 8.30 -10.87
CA GLU C 25 -22.18 8.65 -10.09
C GLU C 25 -22.48 9.72 -9.04
N ARG C 26 -22.81 10.93 -9.50
CA ARG C 26 -23.04 12.14 -8.65
C ARG C 26 -23.78 11.75 -7.37
N GLU C 27 -24.83 10.92 -7.45
CA GLU C 27 -25.59 10.50 -6.25
C GLU C 27 -24.60 10.09 -5.16
N LEU C 28 -23.54 9.37 -5.55
CA LEU C 28 -22.48 8.88 -4.64
C LEU C 28 -21.65 10.06 -4.13
N LEU C 29 -21.14 10.90 -5.04
CA LEU C 29 -20.28 12.07 -4.69
C LEU C 29 -21.04 13.05 -3.80
N GLU C 30 -22.34 13.27 -4.06
CA GLU C 30 -23.17 14.22 -3.26
C GLU C 30 -23.38 13.67 -1.84
N SER C 31 -23.34 12.35 -1.67
CA SER C 31 -23.56 11.68 -0.36
C SER C 31 -22.45 12.07 0.62
N TYR C 32 -21.31 12.56 0.14
CA TYR C 32 -20.16 12.98 0.99
C TYR C 32 -20.45 14.40 1.52
N ILE C 33 -20.78 14.48 2.81
CA ILE C 33 -21.15 15.74 3.53
C ILE C 33 -20.45 15.78 4.89
N ILE D 1 -30.15 -8.13 -7.55
CA ILE D 1 -30.26 -6.69 -7.17
C ILE D 1 -31.74 -6.27 -7.22
N VAL D 2 -32.27 -5.79 -6.10
CA VAL D 2 -33.69 -5.35 -5.96
C VAL D 2 -33.75 -3.82 -6.08
N GLU D 3 -34.82 -3.31 -6.72
CA GLU D 3 -35.08 -1.86 -6.94
C GLU D 3 -33.84 -1.21 -7.57
N GLY D 4 -33.12 -1.97 -8.40
CA GLY D 4 -31.93 -1.48 -9.14
C GLY D 4 -32.31 -1.21 -10.58
N SER D 5 -31.41 -0.63 -11.37
CA SER D 5 -31.66 -0.29 -12.80
C SER D 5 -30.61 -0.94 -13.69
N ASP D 6 -30.91 -1.07 -14.99
CA ASP D 6 -30.00 -1.67 -16.01
C ASP D 6 -28.69 -0.89 -16.00
N ALA D 7 -27.56 -1.59 -16.01
CA ALA D 7 -26.19 -1.02 -16.00
C ALA D 7 -25.83 -0.47 -17.39
N GLU D 8 -24.89 0.47 -17.44
CA GLU D 8 -24.37 1.09 -18.70
C GLU D 8 -23.14 0.28 -19.15
N ILE D 9 -23.05 -0.08 -20.43
CA ILE D 9 -21.89 -0.84 -20.99
C ILE D 9 -20.59 -0.19 -20.52
N GLY D 10 -19.70 -0.97 -19.89
CA GLY D 10 -18.38 -0.53 -19.38
C GLY D 10 -18.48 0.23 -18.07
N MET D 11 -19.66 0.25 -17.44
CA MET D 11 -19.93 0.95 -16.16
C MET D 11 -19.21 0.24 -15.01
N SER D 12 -19.19 -1.10 -15.04
CA SER D 12 -18.56 -1.96 -14.00
C SER D 12 -17.65 -2.99 -14.67
N PRO D 13 -16.50 -2.55 -15.22
CA PRO D 13 -15.60 -3.44 -15.97
C PRO D 13 -14.81 -4.45 -15.12
N TRP D 14 -14.88 -4.36 -13.79
CA TRP D 14 -14.20 -5.26 -12.84
C TRP D 14 -15.17 -6.37 -12.40
N GLN D 15 -16.45 -6.21 -12.73
CA GLN D 15 -17.54 -7.19 -12.43
C GLN D 15 -17.18 -8.52 -13.08
N VAL D 16 -17.08 -9.59 -12.28
CA VAL D 16 -16.75 -10.96 -12.75
C VAL D 16 -17.93 -11.90 -12.44
N MET D 17 -18.16 -12.90 -13.28
CA MET D 17 -19.25 -13.89 -13.11
C MET D 17 -18.65 -15.25 -12.78
N LEU D 18 -18.97 -15.78 -11.60
CA LEU D 18 -18.56 -17.14 -11.15
C LEU D 18 -19.57 -18.13 -11.73
N PHE D 19 -19.21 -18.75 -12.86
CA PHE D 19 -20.07 -19.67 -13.65
C PHE D 19 -19.68 -21.13 -13.38
N ARG D 20 -20.68 -21.97 -13.09
CA ARG D 20 -20.51 -23.42 -12.84
C ARG D 20 -20.53 -24.16 -14.18
N LYS D 21 -19.53 -25.02 -14.43
CA LYS D 21 -19.38 -25.78 -15.70
C LYS D 21 -20.65 -26.59 -16.01
N SER D 22 -20.93 -27.63 -15.20
CA SER D 22 -22.10 -28.53 -15.36
C SER D 22 -22.74 -28.82 -14.01
N PRO D 23 -24.03 -28.47 -13.83
CA PRO D 23 -24.81 -27.81 -14.88
C PRO D 23 -24.36 -26.36 -15.11
N GLN D 24 -24.53 -25.87 -16.35
CA GLN D 24 -24.19 -24.47 -16.72
C GLN D 24 -25.13 -23.55 -15.95
N GLU D 25 -24.68 -23.11 -14.77
CA GLU D 25 -25.47 -22.28 -13.81
C GLU D 25 -24.61 -21.13 -13.28
N LEU D 26 -25.20 -19.95 -13.13
CA LEU D 26 -24.54 -18.76 -12.52
C LEU D 26 -24.60 -18.94 -11.01
N LEU D 27 -23.45 -19.04 -10.34
CA LEU D 27 -23.34 -19.29 -8.87
C LEU D 27 -23.34 -17.96 -8.10
N CYS D 28 -22.35 -17.11 -8.36
CA CYS D 28 -22.17 -15.80 -7.69
C CYS D 28 -21.52 -14.77 -8.61
N GLY D 29 -21.12 -13.64 -8.02
CA GLY D 29 -20.38 -12.55 -8.65
C GLY D 29 -18.97 -12.53 -8.11
N ALA D 30 -18.14 -11.58 -8.54
CA ALA D 30 -16.73 -11.43 -8.12
C ALA D 30 -16.15 -10.15 -8.73
N SER D 31 -14.97 -9.75 -8.27
CA SER D 31 -14.24 -8.55 -8.72
C SER D 31 -12.87 -8.94 -9.28
N LEU D 32 -12.41 -8.18 -10.29
CA LEU D 32 -11.10 -8.36 -10.96
C LEU D 32 -10.12 -7.35 -10.34
N ILE D 33 -9.15 -7.81 -9.56
CA ILE D 33 -8.20 -6.93 -8.83
C ILE D 33 -6.82 -6.92 -9.50
N SER D 34 -6.63 -7.73 -10.54
CA SER D 34 -5.39 -7.80 -11.36
C SER D 34 -5.62 -8.74 -12.55
N ASP D 35 -4.58 -9.01 -13.34
CA ASP D 35 -4.64 -9.84 -14.56
C ASP D 35 -4.80 -11.33 -14.22
N ARG D 36 -4.48 -11.75 -12.98
CA ARG D 36 -4.51 -13.17 -12.58
C ARG D 36 -5.24 -13.40 -11.24
N TRP D 37 -5.76 -12.34 -10.60
CA TRP D 37 -6.43 -12.49 -9.28
C TRP D 37 -7.85 -11.92 -9.30
N VAL D 38 -8.81 -12.76 -8.90
CA VAL D 38 -10.27 -12.47 -8.80
C VAL D 38 -10.70 -12.67 -7.35
N LEU D 39 -11.39 -11.68 -6.76
CA LEU D 39 -11.88 -11.70 -5.36
C LEU D 39 -13.37 -12.06 -5.37
N THR D 40 -13.82 -12.89 -4.43
CA THR D 40 -15.23 -13.33 -4.29
C THR D 40 -15.52 -13.72 -2.83
N ALA D 41 -16.76 -14.15 -2.56
CA ALA D 41 -17.25 -14.58 -1.23
C ALA D 41 -16.94 -16.07 -1.05
N ALA D 42 -16.42 -16.44 0.12
CA ALA D 42 -16.03 -17.82 0.48
C ALA D 42 -17.25 -18.73 0.43
N HIS D 43 -18.41 -18.26 0.91
CA HIS D 43 -19.67 -19.05 0.99
C HIS D 43 -20.11 -19.48 -0.41
N CYS D 44 -19.50 -18.93 -1.47
CA CYS D 44 -19.80 -19.24 -2.88
C CYS D 44 -19.09 -20.54 -3.30
N LEU D 45 -18.01 -20.89 -2.59
CA LEU D 45 -17.16 -22.08 -2.89
C LEU D 45 -17.33 -23.15 -1.82
N LEU D 46 -17.47 -22.76 -0.55
CA LEU D 46 -17.58 -23.69 0.61
C LEU D 46 -18.69 -23.25 1.57
N TYR D 47 -19.76 -24.03 1.67
CA TYR D 47 -20.89 -23.82 2.59
C TYR D 47 -21.53 -25.17 2.90
N PRO D 48 -20.90 -25.96 3.80
CA PRO D 48 -21.40 -27.29 4.17
C PRO D 48 -22.90 -27.38 4.40
N PRO D 49 -23.51 -26.43 5.16
CA PRO D 49 -24.94 -26.45 5.45
C PRO D 49 -25.81 -26.83 4.24
N TRP D 50 -25.42 -26.42 3.03
CA TRP D 50 -26.14 -26.76 1.77
C TRP D 50 -25.27 -27.71 0.94
N ASP D 51 -24.35 -28.42 1.59
CA ASP D 51 -23.44 -29.39 0.95
C ASP D 51 -22.82 -28.74 -0.29
N LYS D 52 -22.35 -27.49 -0.15
CA LYS D 52 -21.64 -26.73 -1.22
C LYS D 52 -20.13 -26.80 -0.95
N ASN D 53 -19.36 -27.22 -1.95
CA ASN D 53 -17.88 -27.35 -1.87
C ASN D 53 -17.34 -27.61 -3.28
N PHE D 54 -17.02 -26.54 -4.02
CA PHE D 54 -16.51 -26.58 -5.41
C PHE D 54 -14.98 -26.48 -5.44
N THR D 55 -14.34 -27.15 -6.41
CA THR D 55 -12.87 -27.12 -6.64
C THR D 55 -12.60 -26.27 -7.89
N GLU D 56 -11.33 -25.93 -8.12
CA GLU D 56 -10.88 -25.07 -9.25
C GLU D 56 -11.46 -25.61 -10.57
N ASN D 57 -11.45 -26.93 -10.76
CA ASN D 57 -11.85 -27.59 -12.04
C ASN D 57 -13.38 -27.58 -12.24
N ASP D 58 -14.15 -27.28 -11.20
CA ASP D 58 -15.64 -27.30 -11.26
C ASP D 58 -16.18 -25.97 -11.79
N LEU D 59 -15.41 -24.89 -11.67
CA LEU D 59 -15.87 -23.50 -11.97
C LEU D 59 -15.20 -22.91 -13.21
N LEU D 60 -15.84 -21.86 -13.75
CA LEU D 60 -15.40 -21.02 -14.90
C LEU D 60 -15.54 -19.55 -14.47
N VAL D 61 -14.78 -18.65 -15.07
CA VAL D 61 -14.82 -17.19 -14.76
C VAL D 61 -15.08 -16.43 -16.06
N ARG D 62 -16.14 -15.61 -16.10
CA ARG D 62 -16.55 -14.81 -17.28
C ARG D 62 -16.45 -13.33 -16.94
N ILE D 63 -15.55 -12.61 -17.63
CA ILE D 63 -15.24 -11.17 -17.38
C ILE D 63 -15.66 -10.33 -18.59
N GLY D 64 -16.05 -9.07 -18.35
CA GLY D 64 -16.44 -8.09 -19.38
C GLY D 64 -17.85 -8.31 -19.91
N LYS D 65 -18.67 -9.06 -19.18
CA LYS D 65 -20.07 -9.39 -19.58
C LYS D 65 -21.03 -8.27 -19.15
N HIS D 66 -22.15 -8.15 -19.85
CA HIS D 66 -23.26 -7.20 -19.61
C HIS D 66 -24.57 -8.00 -19.61
N SER D 67 -24.73 -8.88 -20.61
CA SER D 67 -25.88 -9.81 -20.75
C SER D 67 -25.63 -10.97 -19.79
N ARG D 68 -26.65 -11.34 -19.02
CA ARG D 68 -26.59 -12.40 -17.97
C ARG D 68 -26.37 -13.80 -18.56
N THR D 69 -27.13 -14.17 -19.60
CA THR D 69 -27.14 -15.52 -20.22
C THR D 69 -26.35 -15.55 -21.53
N ARG D 70 -26.79 -14.77 -22.52
CA ARG D 70 -26.24 -14.68 -23.89
C ARG D 70 -24.71 -14.60 -23.86
N TYR D 71 -24.03 -15.30 -24.78
CA TYR D 71 -22.56 -15.31 -24.96
C TYR D 71 -22.19 -14.08 -25.81
N GLU D 72 -21.56 -13.08 -25.19
CA GLU D 72 -21.17 -11.80 -25.83
C GLU D 72 -19.80 -11.97 -26.53
N ARG D 73 -19.85 -12.44 -27.78
CA ARG D 73 -18.68 -12.73 -28.66
C ARG D 73 -17.76 -11.50 -28.76
N ASN D 74 -16.44 -11.75 -28.71
CA ASN D 74 -15.36 -10.74 -28.87
C ASN D 74 -15.31 -9.75 -27.69
N ILE D 75 -16.31 -9.73 -26.82
CA ILE D 75 -16.31 -8.82 -25.63
C ILE D 75 -15.94 -9.62 -24.38
N GLU D 76 -16.78 -10.59 -23.98
CA GLU D 76 -16.57 -11.39 -22.74
C GLU D 76 -15.35 -12.30 -22.91
N LYS D 77 -14.61 -12.52 -21.81
CA LYS D 77 -13.42 -13.40 -21.73
C LYS D 77 -13.66 -14.47 -20.65
N ILE D 78 -13.41 -15.73 -21.00
CA ILE D 78 -13.56 -16.92 -20.11
C ILE D 78 -12.16 -17.38 -19.70
N SER D 79 -11.96 -17.64 -18.40
CA SER D 79 -10.68 -18.10 -17.81
C SER D 79 -10.93 -19.32 -16.91
N MET D 80 -9.86 -20.05 -16.60
CA MET D 80 -9.87 -21.25 -15.72
C MET D 80 -9.15 -20.87 -14.41
N LEU D 81 -9.45 -21.54 -13.30
CA LEU D 81 -8.82 -21.29 -11.99
C LEU D 81 -7.61 -22.20 -11.79
N GLU D 82 -6.49 -21.66 -11.32
CA GLU D 82 -5.24 -22.41 -11.06
C GLU D 82 -5.25 -22.87 -9.59
N LYS D 83 -5.83 -22.04 -8.70
CA LYS D 83 -5.93 -22.29 -7.25
C LYS D 83 -6.95 -21.37 -6.58
N ILE D 84 -7.62 -21.90 -5.56
CA ILE D 84 -8.60 -21.18 -4.70
C ILE D 84 -7.95 -21.02 -3.33
N TYR D 85 -8.07 -19.84 -2.73
CA TYR D 85 -7.50 -19.52 -1.40
C TYR D 85 -8.62 -18.94 -0.52
N ILE D 86 -9.17 -19.77 0.37
CA ILE D 86 -10.25 -19.38 1.32
C ILE D 86 -9.58 -18.97 2.63
N HIS D 87 -9.93 -17.80 3.17
CA HIS D 87 -9.37 -17.28 4.44
C HIS D 87 -9.47 -18.37 5.50
N PRO D 88 -8.35 -18.71 6.18
CA PRO D 88 -8.34 -19.76 7.20
C PRO D 88 -9.26 -19.52 8.40
N ARG D 89 -9.82 -18.32 8.51
CA ARG D 89 -10.67 -17.89 9.66
C ARG D 89 -12.13 -17.78 9.22
N TYR D 90 -12.45 -18.16 7.98
CA TYR D 90 -13.84 -18.15 7.43
C TYR D 90 -14.72 -19.09 8.25
N ASN D 91 -15.69 -18.53 8.98
CA ASN D 91 -16.65 -19.27 9.85
C ASN D 91 -18.00 -19.37 9.13
N TRP D 92 -18.23 -20.48 8.43
CA TRP D 92 -19.45 -20.75 7.62
C TRP D 92 -20.64 -21.13 8.50
N ARG D 93 -20.40 -21.60 9.72
CA ARG D 93 -21.47 -22.09 10.63
C ARG D 93 -22.29 -20.93 11.20
N GLU D 94 -21.66 -20.00 11.91
CA GLU D 94 -22.37 -18.93 12.68
C GLU D 94 -22.74 -17.71 11.83
N ASN D 95 -21.79 -16.81 11.56
CA ASN D 95 -22.06 -15.49 10.93
C ASN D 95 -21.24 -15.22 9.66
N LEU D 96 -20.83 -16.26 8.94
CA LEU D 96 -20.03 -16.09 7.69
C LEU D 96 -18.93 -15.05 7.91
N ASP D 97 -18.37 -14.95 9.12
CA ASP D 97 -17.26 -14.01 9.42
C ASP D 97 -16.17 -14.26 8.37
N ARG D 98 -15.52 -13.19 7.89
CA ARG D 98 -14.43 -13.29 6.89
C ARG D 98 -14.93 -14.09 5.69
N ASP D 99 -16.11 -13.74 5.16
CA ASP D 99 -16.73 -14.38 3.97
C ASP D 99 -16.00 -13.80 2.75
N ILE D 100 -14.72 -14.16 2.59
CA ILE D 100 -13.84 -13.68 1.49
C ILE D 100 -13.04 -14.89 0.98
N ALA D 101 -12.45 -14.77 -0.21
CA ALA D 101 -11.63 -15.83 -0.86
C ALA D 101 -11.05 -15.29 -2.16
N LEU D 102 -9.77 -15.59 -2.43
CA LEU D 102 -9.07 -15.20 -3.68
C LEU D 102 -9.09 -16.38 -4.65
N MET D 103 -9.15 -16.09 -5.96
CA MET D 103 -9.15 -17.07 -7.07
C MET D 103 -8.04 -16.67 -8.04
N LYS D 104 -7.00 -17.48 -8.18
CA LYS D 104 -5.88 -17.23 -9.11
C LYS D 104 -6.24 -17.82 -10.49
N LEU D 105 -6.17 -17.00 -11.54
CA LEU D 105 -6.49 -17.40 -12.94
C LEU D 105 -5.34 -18.24 -13.49
N LYS D 106 -5.65 -19.18 -14.38
CA LYS D 106 -4.70 -20.15 -14.99
C LYS D 106 -3.75 -19.40 -15.94
N LYS D 107 -4.28 -18.45 -16.71
CA LYS D 107 -3.50 -17.62 -17.66
C LYS D 107 -3.96 -16.17 -17.54
N PRO D 108 -3.03 -15.19 -17.39
CA PRO D 108 -3.39 -13.78 -17.26
C PRO D 108 -4.33 -13.28 -18.35
N VAL D 109 -5.37 -12.54 -17.96
CA VAL D 109 -6.40 -11.96 -18.89
C VAL D 109 -5.89 -10.61 -19.38
N ALA D 110 -6.22 -10.24 -20.63
CA ALA D 110 -5.85 -8.97 -21.27
C ALA D 110 -6.96 -7.93 -21.06
N PHE D 111 -6.60 -6.72 -20.65
CA PHE D 111 -7.57 -5.61 -20.38
C PHE D 111 -8.09 -5.05 -21.70
N SER D 112 -9.32 -4.53 -21.67
CA SER D 112 -10.02 -3.91 -22.84
C SER D 112 -10.81 -2.70 -22.33
N ASP D 113 -11.87 -2.32 -23.02
CA ASP D 113 -12.76 -1.18 -22.64
C ASP D 113 -13.91 -1.71 -21.79
N TYR D 114 -13.98 -3.04 -21.61
CA TYR D 114 -15.05 -3.75 -20.87
C TYR D 114 -14.44 -4.57 -19.73
N ILE D 115 -13.12 -4.72 -19.75
CA ILE D 115 -12.33 -5.52 -18.75
C ILE D 115 -11.23 -4.61 -18.17
N HIS D 116 -11.31 -4.33 -16.87
CA HIS D 116 -10.34 -3.46 -16.14
C HIS D 116 -10.43 -3.75 -14.65
N PRO D 117 -9.31 -3.69 -13.91
CA PRO D 117 -9.30 -4.00 -12.47
C PRO D 117 -9.69 -2.84 -11.55
N VAL D 118 -10.30 -3.16 -10.41
CA VAL D 118 -10.72 -2.17 -9.37
C VAL D 118 -9.57 -2.04 -8.35
N CYS D 119 -9.49 -0.92 -7.64
CA CYS D 119 -8.44 -0.65 -6.63
C CYS D 119 -8.89 -1.16 -5.25
N LEU D 120 -7.95 -1.69 -4.46
CA LEU D 120 -8.18 -2.08 -3.05
C LEU D 120 -7.83 -0.85 -2.22
N PRO D 121 -8.57 -0.55 -1.13
CA PRO D 121 -8.35 0.70 -0.39
C PRO D 121 -7.22 0.65 0.65
N ASP D 122 -6.60 1.81 0.91
CA ASP D 122 -5.53 1.99 1.93
C ASP D 122 -6.23 2.51 3.19
N ARG D 123 -5.50 2.66 4.30
CA ARG D 123 -6.05 3.11 5.62
C ARG D 123 -6.77 4.46 5.48
N GLU D 124 -6.23 5.39 4.70
CA GLU D 124 -6.80 6.76 4.50
C GLU D 124 -8.12 6.68 3.74
N THR D 125 -8.10 6.13 2.53
CA THR D 125 -9.29 5.98 1.65
C THR D 125 -10.41 5.29 2.45
N ALA D 126 -10.07 4.26 3.22
CA ALA D 126 -11.00 3.44 4.02
C ALA D 126 -11.53 4.24 5.22
N ALA D 127 -10.77 5.21 5.71
CA ALA D 127 -11.13 6.04 6.88
C ALA D 127 -12.02 7.23 6.46
N SER D 128 -11.97 7.60 5.18
CA SER D 128 -12.72 8.75 4.61
C SER D 128 -14.10 8.31 4.10
N LEU D 129 -14.15 7.17 3.40
CA LEU D 129 -15.37 6.64 2.74
C LEU D 129 -16.25 5.83 3.70
N LEU D 130 -15.67 5.05 4.61
CA LEU D 130 -16.45 4.22 5.57
C LEU D 130 -17.07 5.10 6.66
N GLN D 131 -18.26 5.64 6.37
CA GLN D 131 -19.04 6.52 7.29
C GLN D 131 -20.53 6.37 6.97
N ALA D 132 -21.37 6.38 8.01
CA ALA D 132 -22.84 6.27 7.90
C ALA D 132 -23.37 7.43 7.06
N GLY D 133 -24.22 7.14 6.08
CA GLY D 133 -24.80 8.14 5.16
C GLY D 133 -24.13 8.10 3.80
N TYR D 134 -22.81 7.85 3.79
CA TYR D 134 -21.97 7.72 2.57
C TYR D 134 -22.47 6.57 1.71
N LYS D 135 -22.98 6.87 0.51
CA LYS D 135 -23.56 5.87 -0.42
C LYS D 135 -22.47 5.14 -1.21
N GLY D 136 -22.68 3.85 -1.46
CA GLY D 136 -21.80 2.95 -2.23
C GLY D 136 -22.59 2.27 -3.34
N ARG D 137 -21.91 1.64 -4.30
CA ARG D 137 -22.56 0.98 -5.48
C ARG D 137 -22.36 -0.54 -5.44
N VAL D 138 -23.44 -1.28 -5.68
CA VAL D 138 -23.48 -2.77 -5.71
C VAL D 138 -24.05 -3.22 -7.06
N THR D 139 -23.40 -4.20 -7.71
CA THR D 139 -23.79 -4.76 -9.03
C THR D 139 -23.81 -6.28 -8.98
N GLY D 140 -24.64 -6.92 -9.81
CA GLY D 140 -24.77 -8.39 -9.89
C GLY D 140 -25.96 -8.83 -10.74
N TRP D 141 -25.91 -10.07 -11.24
CA TRP D 141 -26.98 -10.71 -12.06
C TRP D 141 -27.82 -11.62 -11.17
N GLY D 142 -28.06 -11.20 -9.92
CA GLY D 142 -28.85 -11.96 -8.93
C GLY D 142 -30.34 -11.69 -9.08
N ASN D 143 -31.15 -12.29 -8.20
CA ASN D 143 -32.63 -12.16 -8.20
C ASN D 143 -33.02 -10.70 -8.05
N LEU D 144 -34.20 -10.33 -8.57
CA LEU D 144 -34.78 -8.96 -8.53
C LEU D 144 -35.76 -8.88 -7.36
N LYS D 145 -36.17 -10.05 -6.84
CA LYS D 145 -37.09 -10.21 -5.71
C LYS D 145 -36.80 -11.57 -5.05
N GLU D 146 -37.41 -11.87 -3.90
CA GLU D 146 -37.23 -13.16 -3.18
C GLU D 146 -38.43 -14.08 -3.46
N GLY D 155 -37.36 -14.03 -11.01
CA GLY D 155 -36.83 -12.72 -10.61
C GLY D 155 -35.36 -12.58 -10.99
N GLN D 156 -34.96 -13.11 -12.15
CA GLN D 156 -33.57 -13.04 -12.68
C GLN D 156 -33.55 -12.08 -13.86
N PRO D 157 -32.61 -11.12 -13.89
CA PRO D 157 -32.57 -10.11 -14.96
C PRO D 157 -31.90 -10.63 -16.23
N SER D 158 -32.00 -9.86 -17.32
CA SER D 158 -31.40 -10.17 -18.64
C SER D 158 -30.07 -9.43 -18.77
N VAL D 159 -29.97 -8.25 -18.16
CA VAL D 159 -28.75 -7.38 -18.18
C VAL D 159 -28.32 -7.07 -16.75
N LEU D 160 -27.01 -6.91 -16.53
CA LEU D 160 -26.38 -6.61 -15.21
C LEU D 160 -27.16 -5.50 -14.50
N GLN D 161 -27.46 -5.67 -13.21
CA GLN D 161 -28.21 -4.70 -12.38
C GLN D 161 -27.22 -3.94 -11.50
N VAL D 162 -27.59 -2.73 -11.09
CA VAL D 162 -26.78 -1.80 -10.25
C VAL D 162 -27.73 -0.99 -9.36
N VAL D 163 -27.31 -0.72 -8.12
CA VAL D 163 -28.10 0.06 -7.12
C VAL D 163 -27.12 0.81 -6.21
N ASN D 164 -27.51 2.00 -5.74
CA ASN D 164 -26.71 2.85 -4.82
C ASN D 164 -27.35 2.77 -3.43
N LEU D 165 -26.59 2.32 -2.44
CA LEU D 165 -27.06 2.13 -1.04
C LEU D 165 -26.11 2.83 -0.08
N PRO D 166 -26.64 3.50 0.97
CA PRO D 166 -25.81 4.16 1.97
C PRO D 166 -25.36 3.21 3.09
N ILE D 167 -24.17 3.45 3.64
CA ILE D 167 -23.60 2.68 4.79
C ILE D 167 -24.44 3.03 6.02
N VAL D 168 -24.78 2.04 6.84
CA VAL D 168 -25.62 2.21 8.06
C VAL D 168 -24.72 2.19 9.31
N GLU D 169 -25.16 2.86 10.37
CA GLU D 169 -24.46 2.90 11.69
C GLU D 169 -24.40 1.47 12.23
N ARG D 170 -23.29 1.08 12.86
CA ARG D 170 -23.10 -0.31 13.37
C ARG D 170 -24.25 -0.68 14.30
N PRO D 171 -24.58 0.16 15.31
CA PRO D 171 -25.67 -0.15 16.23
C PRO D 171 -26.95 -0.61 15.51
N VAL D 172 -27.36 0.12 14.47
CA VAL D 172 -28.57 -0.19 13.66
C VAL D 172 -28.39 -1.57 13.02
N CYS D 173 -27.23 -1.82 12.40
CA CYS D 173 -26.88 -3.11 11.74
C CYS D 173 -27.03 -4.26 12.74
N LYS D 174 -26.42 -4.11 13.92
CA LYS D 174 -26.43 -5.09 15.03
C LYS D 174 -27.86 -5.45 15.42
N ASP D 175 -28.66 -4.46 15.83
CA ASP D 175 -30.05 -4.62 16.32
C ASP D 175 -30.98 -5.11 15.20
N SER D 176 -30.60 -4.93 13.94
CA SER D 176 -31.44 -5.30 12.76
C SER D 176 -31.49 -6.82 12.59
N THR D 177 -30.53 -7.56 13.16
CA THR D 177 -30.43 -9.04 13.02
C THR D 177 -30.03 -9.69 14.35
N ARG D 178 -30.46 -10.94 14.56
CA ARG D 178 -30.17 -11.75 15.77
C ARG D 178 -28.74 -12.31 15.68
N ILE D 179 -28.20 -12.42 14.46
CA ILE D 179 -26.83 -12.93 14.18
C ILE D 179 -25.81 -12.01 14.87
N ARG D 180 -24.64 -12.55 15.23
CA ARG D 180 -23.53 -11.81 15.88
C ARG D 180 -22.66 -11.14 14.81
N ILE D 181 -22.62 -9.81 14.80
CA ILE D 181 -21.83 -8.99 13.84
C ILE D 181 -20.36 -8.99 14.30
N THR D 182 -19.43 -9.00 13.35
CA THR D 182 -17.96 -8.97 13.61
C THR D 182 -17.36 -7.71 12.98
N ASP D 183 -16.11 -7.41 13.30
CA ASP D 183 -15.37 -6.22 12.81
C ASP D 183 -14.95 -6.44 11.35
N ASN D 184 -15.29 -7.60 10.79
CA ASN D 184 -14.90 -8.00 9.41
C ASN D 184 -16.08 -7.86 8.44
N MET D 185 -17.14 -7.17 8.85
CA MET D 185 -18.35 -6.97 8.01
C MET D 185 -19.05 -5.66 8.38
N PHE D 186 -19.80 -5.08 7.43
CA PHE D 186 -20.59 -3.84 7.58
C PHE D 186 -21.89 -4.00 6.80
N CYS D 187 -22.99 -3.39 7.28
CA CYS D 187 -24.32 -3.45 6.63
C CYS D 187 -24.63 -2.12 5.94
N ALA D 188 -25.34 -2.17 4.82
CA ALA D 188 -25.72 -1.00 3.99
C ALA D 188 -27.12 -1.21 3.42
N GLY D 189 -27.86 -0.11 3.24
CA GLY D 189 -29.24 -0.09 2.70
C GLY D 189 -30.00 1.12 3.22
N TYR D 190 -31.21 1.35 2.69
CA TYR D 190 -32.11 2.46 3.09
C TYR D 190 -32.97 2.01 4.28
N LYS D 191 -33.36 2.97 5.13
CA LYS D 191 -34.18 2.74 6.33
C LYS D 191 -35.66 2.87 5.95
N PRO D 192 -36.60 2.48 6.83
CA PRO D 192 -38.03 2.55 6.53
C PRO D 192 -38.57 3.98 6.37
N ASP D 193 -38.12 4.92 7.21
CA ASP D 193 -38.57 6.33 7.19
C ASP D 193 -37.92 7.07 6.01
N GLU D 194 -37.05 6.39 5.25
CA GLU D 194 -36.37 6.95 4.04
C GLU D 194 -37.26 6.65 2.82
N GLY D 195 -37.09 7.41 1.74
CA GLY D 195 -37.90 7.31 0.51
C GLY D 195 -37.49 6.16 -0.39
N LYS D 196 -36.19 6.01 -0.67
CA LYS D 196 -35.66 4.96 -1.58
C LYS D 196 -35.78 3.56 -0.98
N ARG D 197 -35.57 2.57 -1.86
CA ARG D 197 -35.53 1.12 -1.55
C ARG D 197 -34.36 0.53 -2.36
N GLY D 198 -34.01 -0.74 -2.12
CA GLY D 198 -32.92 -1.41 -2.83
C GLY D 198 -32.10 -2.28 -1.90
N ASP D 199 -31.48 -3.33 -2.44
CA ASP D 199 -30.66 -4.31 -1.70
C ASP D 199 -30.15 -5.37 -2.68
N ALA D 200 -29.20 -6.19 -2.24
CA ALA D 200 -28.65 -7.33 -3.00
C ALA D 200 -29.51 -8.55 -2.65
N CYS D 201 -29.38 -9.65 -3.39
CA CYS D 201 -30.20 -10.88 -3.19
C CYS D 201 -29.34 -12.10 -3.54
N GLU D 202 -29.92 -13.32 -3.50
CA GLU D 202 -29.20 -14.58 -3.82
C GLU D 202 -28.58 -14.45 -5.23
N GLY D 203 -27.36 -14.99 -5.40
CA GLY D 203 -26.61 -14.99 -6.68
C GLY D 203 -25.79 -13.73 -6.86
N ASP D 204 -25.91 -12.76 -5.94
CA ASP D 204 -25.18 -11.47 -5.97
C ASP D 204 -23.89 -11.58 -5.14
N SER D 205 -23.84 -12.56 -4.23
CA SER D 205 -22.68 -12.83 -3.33
C SER D 205 -21.37 -12.78 -4.15
N GLY D 206 -20.30 -12.29 -3.53
CA GLY D 206 -18.96 -12.17 -4.16
C GLY D 206 -18.85 -10.90 -4.98
N GLY D 207 -20.00 -10.29 -5.29
CA GLY D 207 -20.10 -9.03 -6.05
C GLY D 207 -19.49 -7.89 -5.25
N PRO D 208 -18.93 -6.85 -5.91
CA PRO D 208 -18.29 -5.75 -5.20
C PRO D 208 -19.22 -4.59 -4.78
N PHE D 209 -18.87 -3.97 -3.65
CA PHE D 209 -19.51 -2.75 -3.08
C PHE D 209 -18.46 -1.64 -3.19
N VAL D 210 -18.35 -1.04 -4.38
CA VAL D 210 -17.33 0.01 -4.70
C VAL D 210 -17.85 1.40 -4.30
N MET D 211 -16.90 2.33 -4.10
CA MET D 211 -17.12 3.76 -3.77
C MET D 211 -16.08 4.57 -4.55
N LYS D 212 -16.45 5.74 -5.07
CA LYS D 212 -15.55 6.61 -5.86
C LYS D 212 -14.90 7.66 -4.95
N SER D 213 -13.57 7.68 -4.91
CA SER D 213 -12.75 8.62 -4.09
C SER D 213 -12.87 10.03 -4.67
N PRO D 214 -13.36 10.99 -3.87
CA PRO D 214 -13.50 12.37 -4.33
C PRO D 214 -12.15 13.11 -4.35
N PHE D 215 -11.07 12.41 -3.99
CA PHE D 215 -9.68 12.95 -3.89
C PHE D 215 -8.88 12.64 -5.16
N ASN D 216 -8.98 11.41 -5.68
CA ASN D 216 -8.20 10.96 -6.87
C ASN D 216 -9.12 10.42 -7.99
N ASN D 217 -10.44 10.53 -7.82
CA ASN D 217 -11.44 10.14 -8.85
C ASN D 217 -11.25 8.67 -9.26
N ARG D 218 -11.00 7.77 -8.30
CA ARG D 218 -10.78 6.33 -8.54
C ARG D 218 -11.83 5.50 -7.79
N TRP D 219 -12.26 4.38 -8.39
CA TRP D 219 -13.23 3.42 -7.79
C TRP D 219 -12.46 2.45 -6.89
N TYR D 220 -12.93 2.27 -5.65
CA TYR D 220 -12.33 1.35 -4.64
C TYR D 220 -13.38 0.33 -4.17
N GLN D 221 -13.03 -0.95 -4.18
CA GLN D 221 -13.91 -2.03 -3.66
C GLN D 221 -13.74 -2.04 -2.14
N MET D 222 -14.78 -1.61 -1.43
CA MET D 222 -14.79 -1.47 0.06
C MET D 222 -15.43 -2.69 0.72
N GLY D 223 -16.28 -3.44 0.00
CA GLY D 223 -16.99 -4.61 0.56
C GLY D 223 -17.31 -5.67 -0.48
N ILE D 224 -17.70 -6.85 0.00
CA ILE D 224 -18.09 -8.04 -0.82
C ILE D 224 -19.47 -8.51 -0.38
N VAL D 225 -20.43 -8.58 -1.30
CA VAL D 225 -21.81 -9.05 -1.02
C VAL D 225 -21.70 -10.38 -0.26
N SER D 226 -22.13 -10.41 1.01
CA SER D 226 -22.01 -11.60 1.90
C SER D 226 -23.38 -12.23 2.18
N TRP D 227 -24.15 -11.68 3.12
CA TRP D 227 -25.46 -12.24 3.55
C TRP D 227 -26.50 -11.14 3.81
N GLY D 228 -27.65 -11.55 4.35
CA GLY D 228 -28.80 -10.69 4.70
C GLY D 228 -30.04 -11.52 4.99
N GLU D 229 -31.01 -10.94 5.71
CA GLU D 229 -32.31 -11.60 6.06
C GLU D 229 -33.31 -11.28 4.95
N GLY D 230 -33.61 -12.25 4.09
CA GLY D 230 -34.51 -12.04 2.93
C GLY D 230 -33.86 -11.11 1.92
N CYS D 231 -34.66 -10.29 1.23
CA CYS D 231 -34.20 -9.30 0.22
C CYS D 231 -35.09 -8.05 0.24
N ASP D 232 -34.47 -6.87 0.36
CA ASP D 232 -35.12 -5.54 0.36
C ASP D 232 -36.31 -5.53 1.33
N ARG D 233 -36.11 -5.95 2.58
CA ARG D 233 -37.16 -5.92 3.64
C ARG D 233 -36.94 -4.69 4.50
N ASP D 234 -38.01 -4.16 5.09
CA ASP D 234 -37.98 -2.97 5.98
C ASP D 234 -37.31 -3.37 7.30
N GLY D 235 -36.52 -2.47 7.89
CA GLY D 235 -35.81 -2.70 9.16
C GLY D 235 -34.69 -3.72 9.02
N LYS D 236 -34.50 -4.27 7.81
CA LYS D 236 -33.46 -5.27 7.48
C LYS D 236 -32.48 -4.63 6.48
N TYR D 237 -31.19 -4.99 6.56
CA TYR D 237 -30.11 -4.45 5.69
C TYR D 237 -29.16 -5.56 5.26
N GLY D 238 -28.51 -5.38 4.10
CA GLY D 238 -27.54 -6.32 3.52
C GLY D 238 -26.16 -6.11 4.10
N PHE D 239 -25.45 -7.20 4.40
CA PHE D 239 -24.09 -7.20 5.00
C PHE D 239 -23.04 -7.52 3.93
N TYR D 240 -21.89 -6.84 4.03
CA TYR D 240 -20.76 -6.96 3.07
C TYR D 240 -19.47 -7.19 3.87
N THR D 241 -18.56 -7.99 3.30
CA THR D 241 -17.24 -8.33 3.89
C THR D 241 -16.36 -7.08 3.86
N HIS D 242 -15.74 -6.73 4.99
CA HIS D 242 -14.85 -5.56 5.17
C HIS D 242 -13.52 -5.82 4.46
N VAL D 243 -13.41 -5.44 3.19
CA VAL D 243 -12.24 -5.72 2.32
C VAL D 243 -10.95 -5.17 2.93
N PHE D 244 -10.93 -3.89 3.32
CA PHE D 244 -9.71 -3.21 3.85
C PHE D 244 -9.08 -4.02 4.99
N ARG D 245 -9.87 -4.43 6.00
CA ARG D 245 -9.35 -5.17 7.17
C ARG D 245 -8.60 -6.44 6.72
N LEU D 246 -8.84 -6.90 5.49
CA LEU D 246 -8.22 -8.15 4.97
C LEU D 246 -7.20 -7.85 3.86
N LYS D 247 -7.02 -6.59 3.46
CA LYS D 247 -6.08 -6.22 2.37
C LYS D 247 -4.74 -6.95 2.59
N LYS D 248 -4.15 -6.78 3.77
CA LYS D 248 -2.85 -7.41 4.12
C LYS D 248 -2.92 -8.90 3.81
N TRP D 249 -4.04 -9.57 4.14
CA TRP D 249 -4.24 -11.01 3.84
C TRP D 249 -4.16 -11.22 2.33
N ILE D 250 -4.87 -10.37 1.57
CA ILE D 250 -4.93 -10.42 0.07
C ILE D 250 -3.50 -10.25 -0.47
N GLN D 251 -2.84 -9.15 -0.10
CA GLN D 251 -1.45 -8.85 -0.57
C GLN D 251 -0.52 -9.99 -0.20
N LYS D 252 -0.66 -10.55 1.01
CA LYS D 252 0.24 -11.62 1.53
C LYS D 252 0.12 -12.88 0.68
N VAL D 253 -1.10 -13.26 0.27
CA VAL D 253 -1.34 -14.49 -0.54
C VAL D 253 -0.95 -14.21 -2.00
N ILE D 254 -1.38 -13.07 -2.56
CA ILE D 254 -1.08 -12.68 -3.96
C ILE D 254 0.44 -12.58 -4.16
N ASP D 255 1.16 -12.18 -3.10
CA ASP D 255 2.64 -12.02 -3.12
C ASP D 255 3.32 -13.39 -3.14
N GLN D 256 3.01 -14.26 -2.17
CA GLN D 256 3.64 -15.60 -2.01
C GLN D 256 3.13 -16.57 -3.06
N PHE D 257 1.95 -16.31 -3.66
CA PHE D 257 1.34 -17.20 -4.69
C PHE D 257 1.00 -16.37 -5.94
#